data_4IMQ
#
_entry.id   4IMQ
#
_cell.length_a   122.396
_cell.length_b   122.396
_cell.length_c   51.354
_cell.angle_alpha   90.00
_cell.angle_beta   90.00
_cell.angle_gamma   120.00
#
_symmetry.space_group_name_H-M   'P 65 2 2'
#
loop_
_entity.id
_entity.type
_entity.pdbx_description
1 polymer '3C-like protease'
2 polymer 'PEPTIDE INHIBITOR, syc8'
3 non-polymer 'THIOCYANATE ION'
4 non-polymer 'SODIUM ION'
5 water water
#
loop_
_entity_poly.entity_id
_entity_poly.type
_entity_poly.pdbx_seq_one_letter_code
_entity_poly.pdbx_strand_id
1 'polypeptide(L)'
;GSAPPTLWSRVTKFGSGWGFWVSPTVFITTTHVVPTGVKEFFGEPLSSIAIHQAGEFTQFRFSKKMRPDLTGMVLEEGCP
EGTVCSVLIKRDSGELLPLAVRMGAIASMRIQGRLVHGQSGMLLTGANAKGMDLGTIPGDCGAPYVHKRGNDWVVCGVHA
AATKSGNTVVCAVQAGEGETALE
;
A
2 'polypeptide(L)' (PHQ)LF(1HD) B
#
loop_
_chem_comp.id
_chem_comp.type
_chem_comp.name
_chem_comp.formula
1HD peptide-like N-[(2S)-2-amino-3-hydroxypropyl]acetamide 'C5 H12 N2 O2'
NA non-polymer 'SODIUM ION' 'Na 1'
PHQ non-polymer 'benzyl chlorocarbonate' 'C8 H7 Cl O2'
SCN non-polymer 'THIOCYANATE ION' 'C N S -1'
#
# COMPACT_ATOMS: atom_id res chain seq x y z
N GLY A 1 -0.52 -11.08 17.52
CA GLY A 1 -1.36 -10.01 17.01
C GLY A 1 -0.62 -8.80 16.45
N SER A 2 0.59 -8.55 16.92
CA SER A 2 1.28 -7.37 16.44
C SER A 2 2.17 -7.73 15.24
N ALA A 3 2.36 -6.76 14.35
CA ALA A 3 3.19 -7.00 13.19
C ALA A 3 4.64 -7.29 13.63
N PRO A 4 5.22 -8.38 13.12
CA PRO A 4 6.59 -8.70 13.50
C PRO A 4 7.62 -7.81 12.81
N PRO A 5 8.85 -7.75 13.36
CA PRO A 5 9.91 -6.96 12.72
C PRO A 5 10.09 -7.29 11.23
N THR A 6 10.02 -8.56 10.82
CA THR A 6 10.26 -8.87 9.42
C THR A 6 9.22 -8.19 8.51
N LEU A 7 7.98 -8.14 9.02
CA LEU A 7 6.90 -7.50 8.26
C LEU A 7 7.17 -5.99 8.12
N TRP A 8 7.53 -5.35 9.23
CA TRP A 8 7.96 -3.95 9.17
C TRP A 8 9.12 -3.74 8.20
N SER A 9 10.02 -4.71 8.13
CA SER A 9 11.22 -4.54 7.30
C SER A 9 10.87 -4.49 5.82
N ARG A 10 9.67 -4.95 5.49
CA ARG A 10 9.19 -4.80 4.10
C ARG A 10 8.81 -3.37 3.74
N VAL A 11 8.49 -2.54 4.74
CA VAL A 11 8.07 -1.15 4.51
C VAL A 11 9.33 -0.35 4.24
N THR A 12 9.35 0.34 3.11
CA THR A 12 10.60 0.87 2.57
C THR A 12 10.40 2.31 2.10
N LYS A 13 11.30 3.23 2.47
CA LYS A 13 11.22 4.60 1.96
C LYS A 13 11.32 4.60 0.45
N PHE A 14 10.43 5.36 -0.20
CA PHE A 14 10.42 5.37 -1.65
C PHE A 14 9.81 6.65 -2.16
N GLY A 15 10.54 7.39 -3.00
CA GLY A 15 9.97 8.62 -3.54
C GLY A 15 9.54 9.57 -2.42
N SER A 16 8.35 10.15 -2.56
CA SER A 16 7.82 11.06 -1.55
C SER A 16 6.90 10.31 -0.59
N GLY A 17 7.24 9.06 -0.30
CA GLY A 17 6.44 8.25 0.60
C GLY A 17 7.09 6.93 0.99
N TRP A 18 6.40 5.83 0.70
CA TRP A 18 6.87 4.51 1.07
C TRP A 18 6.35 3.50 0.06
N GLY A 19 6.92 2.30 0.12
CA GLY A 19 6.34 1.16 -0.55
C GLY A 19 6.61 -0.11 0.25
N PHE A 20 6.28 -1.24 -0.33
CA PHE A 20 6.23 -2.48 0.42
C PHE A 20 6.70 -3.67 -0.41
N TRP A 21 7.68 -4.41 0.10
CA TRP A 21 8.14 -5.64 -0.56
C TRP A 21 7.18 -6.79 -0.29
N VAL A 22 6.42 -7.17 -1.30
CA VAL A 22 5.55 -8.34 -1.21
C VAL A 22 6.35 -9.64 -1.30
N SER A 23 7.48 -9.59 -1.98
CA SER A 23 8.32 -10.76 -2.17
C SER A 23 9.72 -10.26 -2.52
N PRO A 24 10.65 -11.18 -2.80
CA PRO A 24 11.99 -10.71 -3.17
C PRO A 24 12.02 -9.81 -4.41
N THR A 25 11.05 -9.96 -5.31
CA THR A 25 11.07 -9.22 -6.58
C THR A 25 9.92 -8.23 -6.75
N VAL A 26 8.90 -8.27 -5.90
CA VAL A 26 7.69 -7.47 -6.13
C VAL A 26 7.55 -6.41 -5.06
N PHE A 27 7.42 -5.16 -5.52
CA PHE A 27 7.30 -3.99 -4.66
C PHE A 27 6.03 -3.27 -5.03
N ILE A 28 5.23 -2.89 -4.05
CA ILE A 28 4.03 -2.10 -4.32
C ILE A 28 4.10 -0.74 -3.65
N THR A 29 3.44 0.24 -4.26
CA THR A 29 3.45 1.59 -3.71
C THR A 29 2.26 2.35 -4.27
N THR A 30 2.12 3.60 -3.83
CA THR A 30 1.07 4.48 -4.29
C THR A 30 1.59 5.31 -5.45
N THR A 31 0.86 5.34 -6.56
CA THR A 31 1.34 5.97 -7.80
C THR A 31 1.86 7.39 -7.59
N HIS A 32 1.13 8.20 -6.82
CA HIS A 32 1.54 9.60 -6.71
C HIS A 32 2.83 9.84 -5.93
N VAL A 33 3.37 8.82 -5.27
CA VAL A 33 4.64 9.01 -4.57
C VAL A 33 5.83 8.57 -5.44
N VAL A 34 5.58 7.91 -6.56
CA VAL A 34 6.64 7.40 -7.43
C VAL A 34 7.42 8.56 -8.03
N PRO A 35 8.75 8.54 -7.91
CA PRO A 35 9.50 9.67 -8.44
C PRO A 35 9.38 9.75 -9.94
N THR A 36 9.28 11.01 -10.32
CA THR A 36 9.12 11.38 -11.68
C THR A 36 10.50 11.64 -12.26
N GLY A 37 10.64 11.36 -13.56
CA GLY A 37 11.85 11.67 -14.30
C GLY A 37 13.07 10.82 -14.07
N VAL A 38 12.93 9.70 -13.36
CA VAL A 38 14.09 8.89 -13.05
C VAL A 38 14.29 7.80 -14.09
N LYS A 39 15.48 7.23 -14.11
CA LYS A 39 15.81 6.18 -15.07
C LYS A 39 15.99 4.83 -14.39
N GLU A 40 15.81 4.82 -13.07
CA GLU A 40 16.03 3.60 -12.31
C GLU A 40 15.22 3.65 -11.03
N PHE A 41 14.86 2.48 -10.51
CA PHE A 41 14.35 2.35 -9.14
C PHE A 41 15.25 1.33 -8.39
N PHE A 42 15.66 1.68 -7.18
CA PHE A 42 16.55 0.82 -6.38
C PHE A 42 17.77 0.34 -7.16
N GLY A 43 18.25 1.22 -8.04
CA GLY A 43 19.44 0.95 -8.83
C GLY A 43 19.23 0.10 -10.08
N GLU A 44 18.00 -0.35 -10.30
CA GLU A 44 17.64 -1.15 -11.46
C GLU A 44 17.06 -0.29 -12.57
N PRO A 45 17.62 -0.40 -13.79
CA PRO A 45 17.12 0.43 -14.90
C PRO A 45 15.66 0.05 -15.21
N LEU A 46 14.88 1.03 -15.65
CA LEU A 46 13.44 0.82 -15.84
C LEU A 46 13.14 -0.34 -16.79
N SER A 47 13.97 -0.52 -17.82
CA SER A 47 13.71 -1.59 -18.76
C SER A 47 13.89 -2.98 -18.15
N SER A 48 14.45 -3.06 -16.94
CA SER A 48 14.59 -4.36 -16.29
C SER A 48 13.46 -4.60 -15.32
N ILE A 49 12.49 -3.70 -15.29
CA ILE A 49 11.40 -3.80 -14.33
C ILE A 49 10.10 -3.91 -15.12
N ALA A 50 9.20 -4.78 -14.69
CA ALA A 50 7.83 -4.78 -15.19
C ALA A 50 7.01 -3.87 -14.29
N ILE A 51 6.61 -2.71 -14.80
CA ILE A 51 5.93 -1.69 -14.03
C ILE A 51 4.46 -1.66 -14.39
N HIS A 52 3.61 -2.04 -13.43
CA HIS A 52 2.18 -2.09 -13.65
C HIS A 52 1.56 -0.94 -12.86
N GLN A 53 0.72 -0.12 -13.47
CA GLN A 53 0.07 0.97 -12.73
C GLN A 53 -1.38 1.05 -13.12
N ALA A 54 -2.25 1.12 -12.12
CA ALA A 54 -3.68 1.35 -12.37
C ALA A 54 -4.16 2.31 -11.30
N GLY A 55 -4.51 3.51 -11.72
CA GLY A 55 -4.89 4.52 -10.76
C GLY A 55 -3.76 4.78 -9.81
N GLU A 56 -4.10 4.75 -8.53
CA GLU A 56 -3.14 4.99 -7.48
C GLU A 56 -2.37 3.77 -7.02
N PHE A 57 -2.61 2.62 -7.66
CA PHE A 57 -1.86 1.42 -7.32
C PHE A 57 -0.70 1.22 -8.30
N THR A 58 0.51 1.07 -7.77
CA THR A 58 1.68 0.74 -8.59
C THR A 58 2.35 -0.52 -8.10
N GLN A 59 2.70 -1.41 -9.03
CA GLN A 59 3.48 -2.60 -8.73
C GLN A 59 4.70 -2.70 -9.63
N PHE A 60 5.85 -2.98 -9.03
CA PHE A 60 7.07 -3.25 -9.76
C PHE A 60 7.41 -4.72 -9.60
N ARG A 61 7.78 -5.38 -10.69
CA ARG A 61 8.38 -6.70 -10.61
C ARG A 61 9.79 -6.59 -11.19
N PHE A 62 10.78 -6.69 -10.32
CA PHE A 62 12.16 -6.56 -10.74
C PHE A 62 12.66 -7.87 -11.34
N SER A 63 13.71 -7.76 -12.15
N SER A 63 13.62 -7.81 -12.24
CA SER A 63 14.29 -8.87 -12.91
CA SER A 63 14.09 -9.06 -12.85
C SER A 63 15.26 -9.70 -12.10
C SER A 63 15.04 -9.84 -11.94
N LYS A 64 15.60 -9.19 -10.93
CA LYS A 64 16.44 -9.91 -10.01
C LYS A 64 15.92 -9.74 -8.61
N LYS A 65 16.34 -10.65 -7.76
CA LYS A 65 15.93 -10.65 -6.37
C LYS A 65 16.55 -9.46 -5.64
N MET A 66 15.67 -8.58 -5.18
CA MET A 66 16.08 -7.37 -4.48
C MET A 66 16.06 -7.58 -2.98
N ARG A 67 15.14 -8.43 -2.52
CA ARG A 67 15.07 -8.80 -1.12
C ARG A 67 15.01 -10.31 -0.99
N PRO A 68 16.11 -11.00 -1.30
CA PRO A 68 16.09 -12.47 -1.25
C PRO A 68 15.93 -13.02 0.17
N ASP A 69 16.05 -12.16 1.19
CA ASP A 69 15.80 -12.58 2.56
C ASP A 69 14.32 -12.82 2.86
N LEU A 70 13.42 -12.27 2.04
CA LEU A 70 12.00 -12.36 2.33
C LEU A 70 11.32 -13.55 1.66
N THR A 71 10.34 -14.11 2.34
CA THR A 71 9.38 -14.99 1.69
C THR A 71 8.39 -14.15 0.88
N GLY A 72 7.78 -14.77 -0.11
CA GLY A 72 6.62 -14.15 -0.71
C GLY A 72 5.49 -14.15 0.30
N MET A 73 4.61 -13.16 0.16
CA MET A 73 3.38 -13.14 0.94
C MET A 73 2.20 -12.80 0.03
N VAL A 74 0.99 -12.93 0.55
CA VAL A 74 -0.19 -12.76 -0.29
C VAL A 74 -0.61 -11.30 -0.38
N LEU A 75 -0.79 -10.85 -1.63
CA LEU A 75 -1.40 -9.56 -1.96
C LEU A 75 -2.79 -9.80 -2.51
N GLU A 76 -3.79 -9.18 -1.87
CA GLU A 76 -5.17 -9.30 -2.33
C GLU A 76 -5.73 -7.94 -2.70
N GLU A 77 -6.80 -7.95 -3.48
CA GLU A 77 -7.44 -6.70 -3.88
C GLU A 77 -8.40 -6.25 -2.78
N GLY A 78 -7.88 -5.47 -1.84
CA GLY A 78 -8.68 -5.06 -0.71
C GLY A 78 -9.10 -6.24 0.14
N CYS A 79 -10.12 -6.02 0.96
CA CYS A 79 -10.57 -7.04 1.91
C CYS A 79 -12.08 -6.89 2.14
N PRO A 80 -12.70 -7.87 2.79
CA PRO A 80 -14.15 -7.78 3.01
C PRO A 80 -14.54 -6.59 3.87
N GLU A 81 -15.76 -6.10 3.65
CA GLU A 81 -16.35 -5.10 4.52
C GLU A 81 -16.16 -5.46 5.97
N GLY A 82 -15.71 -4.51 6.77
CA GLY A 82 -15.62 -4.70 8.22
C GLY A 82 -14.30 -5.28 8.70
N THR A 83 -13.44 -5.69 7.77
CA THR A 83 -12.13 -6.23 8.16
C THR A 83 -11.31 -5.19 8.88
N VAL A 84 -10.75 -5.56 10.03
CA VAL A 84 -9.84 -4.68 10.73
C VAL A 84 -8.43 -4.89 10.18
N CYS A 85 -7.86 -3.83 9.62
CA CYS A 85 -6.50 -3.87 9.13
C CYS A 85 -5.59 -3.00 9.99
N SER A 86 -4.30 -3.08 9.69
N SER A 86 -4.28 -3.17 9.77
CA SER A 86 -3.33 -2.22 10.30
CA SER A 86 -3.26 -2.29 10.31
C SER A 86 -2.54 -1.55 9.19
C SER A 86 -2.62 -1.55 9.13
N VAL A 87 -2.41 -0.24 9.28
CA VAL A 87 -1.64 0.53 8.31
C VAL A 87 -0.25 0.62 8.93
N LEU A 88 0.74 0.00 8.27
CA LEU A 88 2.09 -0.04 8.85
C LEU A 88 2.87 1.21 8.46
N ILE A 89 2.65 2.26 9.24
CA ILE A 89 3.27 3.54 8.97
C ILE A 89 4.67 3.63 9.57
N LYS A 90 5.68 3.86 8.72
CA LYS A 90 6.97 4.35 9.20
C LYS A 90 7.03 5.86 9.00
N ARG A 91 7.69 6.53 9.93
CA ARG A 91 7.95 7.96 9.80
C ARG A 91 9.43 8.17 9.50
N ASP A 92 9.78 9.33 8.95
CA ASP A 92 11.16 9.61 8.60
C ASP A 92 12.12 9.53 9.77
N SER A 93 11.62 9.82 10.97
CA SER A 93 12.44 9.75 12.19
C SER A 93 12.82 8.33 12.55
N GLY A 94 12.09 7.37 11.98
CA GLY A 94 12.24 5.96 12.35
C GLY A 94 11.10 5.40 13.17
N GLU A 95 10.25 6.27 13.70
CA GLU A 95 9.11 5.82 14.49
C GLU A 95 8.21 4.90 13.68
N LEU A 96 7.74 3.84 14.32
CA LEU A 96 6.71 2.95 13.77
C LEU A 96 5.38 3.32 14.39
N LEU A 97 4.37 3.46 13.55
CA LEU A 97 3.04 3.86 14.00
C LEU A 97 1.98 2.98 13.33
N PRO A 98 1.77 1.77 13.84
CA PRO A 98 0.70 0.95 13.26
C PRO A 98 -0.65 1.54 13.64
N LEU A 99 -1.47 1.80 12.62
CA LEU A 99 -2.79 2.38 12.89
C LEU A 99 -3.87 1.39 12.54
N ALA A 100 -4.79 1.15 13.47
CA ALA A 100 -5.90 0.24 13.24
C ALA A 100 -6.98 0.93 12.46
N VAL A 101 -7.54 0.22 11.48
CA VAL A 101 -8.58 0.78 10.59
CA VAL A 101 -8.59 0.78 10.63
C VAL A 101 -9.64 -0.29 10.32
N ARG A 102 -10.92 0.08 10.39
CA ARG A 102 -11.96 -0.88 10.03
C ARG A 102 -12.38 -0.55 8.62
N MET A 103 -12.15 -1.48 7.70
CA MET A 103 -12.35 -1.20 6.28
C MET A 103 -13.81 -1.23 5.84
N GLY A 104 -14.11 -0.40 4.84
CA GLY A 104 -15.43 -0.30 4.28
C GLY A 104 -15.52 -0.75 2.84
N ALA A 105 -16.13 0.06 1.99
CA ALA A 105 -16.40 -0.34 0.62
C ALA A 105 -15.22 -0.16 -0.33
N ILE A 106 -15.09 -1.09 -1.26
CA ILE A 106 -14.19 -0.95 -2.39
C ILE A 106 -14.97 -0.21 -3.47
N ALA A 107 -14.37 0.85 -4.02
CA ALA A 107 -15.08 1.66 -5.00
C ALA A 107 -14.10 2.48 -5.78
N SER A 108 -14.56 3.05 -6.88
CA SER A 108 -13.79 4.08 -7.57
C SER A 108 -14.35 5.40 -7.10
N MET A 109 -13.50 6.22 -6.47
CA MET A 109 -13.93 7.42 -5.75
C MET A 109 -13.21 8.63 -6.33
N ARG A 110 -13.91 9.75 -6.44
CA ARG A 110 -13.22 10.96 -6.88
C ARG A 110 -12.48 11.55 -5.71
N ILE A 111 -11.18 11.73 -5.87
CA ILE A 111 -10.36 12.33 -4.83
C ILE A 111 -9.49 13.40 -5.47
N GLN A 112 -9.68 14.65 -5.05
CA GLN A 112 -8.89 15.75 -5.58
C GLN A 112 -8.85 15.73 -7.12
N GLY A 113 -10.03 15.60 -7.70
CA GLY A 113 -10.19 15.70 -9.14
C GLY A 113 -9.91 14.45 -9.94
N ARG A 114 -9.33 13.42 -9.30
CA ARG A 114 -8.96 12.19 -9.99
C ARG A 114 -9.85 11.03 -9.53
N LEU A 115 -10.13 10.06 -10.40
CA LEU A 115 -10.83 8.86 -9.98
C LEU A 115 -9.81 7.87 -9.43
N VAL A 116 -10.08 7.33 -8.26
CA VAL A 116 -9.16 6.44 -7.55
C VAL A 116 -9.89 5.15 -7.17
N HIS A 117 -9.40 4.02 -7.66
CA HIS A 117 -9.94 2.72 -7.29
C HIS A 117 -9.28 2.32 -5.98
N GLY A 118 -10.08 2.16 -4.93
CA GLY A 118 -9.50 1.94 -3.61
C GLY A 118 -10.53 1.46 -2.63
N GLN A 119 -10.13 1.39 -1.38
CA GLN A 119 -11.05 0.99 -0.31
C GLN A 119 -10.95 2.00 0.81
N SER A 120 -12.10 2.50 1.26
CA SER A 120 -12.13 3.44 2.36
C SER A 120 -12.20 2.69 3.67
N GLY A 121 -11.81 3.35 4.75
CA GLY A 121 -11.90 2.74 6.06
C GLY A 121 -11.94 3.80 7.14
N MET A 122 -12.30 3.39 8.34
CA MET A 122 -12.41 4.30 9.48
C MET A 122 -11.27 4.02 10.45
N LEU A 123 -10.51 5.04 10.81
CA LEU A 123 -9.47 4.84 11.82
C LEU A 123 -10.12 4.54 13.16
N LEU A 124 -9.57 3.55 13.85
CA LEU A 124 -10.05 3.16 15.16
C LEU A 124 -9.16 3.80 16.22
N GLY A 135 -3.27 10.17 13.63
CA GLY A 135 -3.69 9.85 12.29
C GLY A 135 -2.55 9.82 11.31
N THR A 136 -2.92 9.71 10.04
CA THR A 136 -1.96 9.74 8.95
C THR A 136 -1.56 11.17 8.58
N ILE A 137 -0.41 11.29 7.93
CA ILE A 137 0.09 12.53 7.38
C ILE A 137 0.44 12.29 5.90
N PRO A 138 0.62 13.37 5.12
CA PRO A 138 0.76 13.10 3.68
C PRO A 138 1.99 12.25 3.32
N GLY A 139 3.06 12.38 4.11
CA GLY A 139 4.25 11.59 3.84
C GLY A 139 4.08 10.11 4.09
N ASP A 140 2.91 9.67 4.56
CA ASP A 140 2.68 8.25 4.85
C ASP A 140 2.18 7.48 3.64
N CYS A 141 1.93 8.16 2.53
CA CYS A 141 1.40 7.44 1.38
C CYS A 141 2.33 6.34 0.90
N GLY A 142 1.72 5.21 0.54
CA GLY A 142 2.45 4.02 0.16
C GLY A 142 2.56 3.01 1.28
N ALA A 143 2.26 3.41 2.51
CA ALA A 143 2.31 2.44 3.62
C ALA A 143 1.28 1.34 3.38
N PRO A 144 1.63 0.09 3.71
CA PRO A 144 0.70 -1.00 3.43
C PRO A 144 -0.43 -1.14 4.43
N TYR A 145 -1.57 -1.58 3.92
CA TYR A 145 -2.69 -2.01 4.74
C TYR A 145 -2.59 -3.52 4.81
N VAL A 146 -2.42 -4.04 6.00
CA VAL A 146 -2.30 -5.48 6.21
C VAL A 146 -3.33 -6.00 7.18
N HIS A 147 -3.60 -7.30 7.11
CA HIS A 147 -4.41 -7.94 8.15
C HIS A 147 -3.95 -9.35 8.35
N LYS A 148 -4.20 -9.89 9.53
CA LYS A 148 -3.74 -11.23 9.79
C LYS A 148 -4.84 -12.26 9.50
N ARG A 149 -4.44 -13.29 8.77
CA ARG A 149 -5.30 -14.40 8.37
C ARG A 149 -4.65 -15.69 8.86
N GLY A 150 -5.20 -16.26 9.92
CA GLY A 150 -4.53 -17.39 10.55
C GLY A 150 -3.23 -16.93 11.14
N ASN A 151 -2.14 -17.58 10.78
CA ASN A 151 -0.86 -17.21 11.33
C ASN A 151 -0.09 -16.32 10.36
N ASP A 152 -0.73 -15.99 9.23
CA ASP A 152 -0.03 -15.15 8.25
C ASP A 152 -0.65 -13.83 7.99
N TRP A 153 0.20 -12.94 7.54
CA TRP A 153 -0.23 -11.60 7.23
C TRP A 153 -0.50 -11.49 5.75
N VAL A 154 -1.52 -10.71 5.40
CA VAL A 154 -1.93 -10.47 4.01
C VAL A 154 -1.88 -8.97 3.79
N VAL A 155 -1.36 -8.52 2.65
CA VAL A 155 -1.41 -7.10 2.31
C VAL A 155 -2.49 -6.88 1.29
N CYS A 156 -3.22 -5.78 1.43
CA CYS A 156 -4.37 -5.60 0.53
C CYS A 156 -4.54 -4.20 -0.03
N GLY A 157 -3.61 -3.30 0.27
CA GLY A 157 -3.70 -1.94 -0.25
C GLY A 157 -2.50 -1.13 0.17
N VAL A 158 -2.38 0.07 -0.38
CA VAL A 158 -1.32 1.02 -0.04
C VAL A 158 -1.94 2.39 0.26
N HIS A 159 -1.45 3.06 1.29
CA HIS A 159 -2.12 4.27 1.74
C HIS A 159 -2.13 5.36 0.65
N ALA A 160 -3.30 5.93 0.38
CA ALA A 160 -3.42 6.93 -0.70
C ALA A 160 -4.02 8.26 -0.28
N ALA A 161 -4.94 8.25 0.69
CA ALA A 161 -5.64 9.50 0.98
C ALA A 161 -6.28 9.47 2.35
N ALA A 162 -6.63 10.64 2.86
CA ALA A 162 -7.35 10.73 4.13
C ALA A 162 -8.20 11.97 4.11
N THR A 163 -9.31 11.93 4.84
CA THR A 163 -10.12 13.13 4.98
C THR A 163 -9.41 14.17 5.82
N LYS A 164 -9.80 15.41 5.63
CA LYS A 164 -9.17 16.50 6.37
C LYS A 164 -9.38 16.38 7.90
N SER A 165 -10.55 15.92 8.33
CA SER A 165 -10.71 15.45 9.72
C SER A 165 -9.66 14.39 10.12
N GLY A 166 -9.30 13.51 9.20
CA GLY A 166 -8.48 12.37 9.56
C GLY A 166 -9.16 11.00 9.69
N ASN A 167 -10.35 10.87 10.29
CA ASN A 167 -10.91 9.51 10.60
C ASN A 167 -11.30 8.59 9.43
N THR A 168 -11.48 9.14 8.23
CA THR A 168 -11.61 8.30 7.02
C THR A 168 -10.29 8.26 6.25
N VAL A 169 -9.86 7.05 5.90
CA VAL A 169 -8.66 6.87 5.08
C VAL A 169 -9.03 6.06 3.84
N VAL A 170 -8.16 6.11 2.84
CA VAL A 170 -8.34 5.33 1.62
C VAL A 170 -7.02 4.68 1.25
N CYS A 171 -7.06 3.38 1.00
CA CYS A 171 -5.92 2.71 0.37
C CYS A 171 -6.24 2.42 -1.08
N ALA A 172 -5.24 2.61 -1.95
CA ALA A 172 -5.40 2.15 -3.32
C ALA A 172 -5.32 0.63 -3.31
N VAL A 173 -6.09 0.01 -4.21
CA VAL A 173 -6.04 -1.45 -4.34
C VAL A 173 -5.82 -1.80 -5.80
N GLN A 174 -5.38 -3.03 -6.06
CA GLN A 174 -5.21 -3.52 -7.41
C GLN A 174 -6.48 -3.39 -8.26
N ALA A 175 -6.32 -3.24 -9.57
CA ALA A 175 -7.45 -3.27 -10.48
C ALA A 175 -8.10 -4.63 -10.44
N GLY A 176 -9.41 -4.63 -10.61
CA GLY A 176 -10.10 -5.87 -10.81
C GLY A 176 -11.54 -5.68 -10.40
N GLU A 177 -12.43 -6.24 -11.19
CA GLU A 177 -13.83 -6.17 -10.85
C GLU A 177 -14.25 -7.44 -10.12
N GLY A 178 -15.35 -7.31 -9.39
CA GLY A 178 -15.85 -8.44 -8.63
C GLY A 178 -17.14 -8.00 -8.01
N GLU A 179 -17.91 -8.96 -7.55
CA GLU A 179 -19.27 -8.69 -7.14
C GLU A 179 -19.42 -8.08 -5.75
N THR A 180 -18.32 -7.98 -5.01
CA THR A 180 -18.42 -7.39 -3.68
C THR A 180 -18.07 -5.91 -3.69
N ALA A 181 -17.63 -5.42 -4.85
CA ALA A 181 -17.20 -4.03 -4.99
C ALA A 181 -18.25 -3.22 -5.72
N LEU A 182 -18.28 -1.92 -5.45
CA LEU A 182 -19.18 -1.02 -6.17
C LEU A 182 -18.58 -0.71 -7.53
N GLU A 183 -19.33 -0.99 -8.59
CA GLU A 183 -18.77 -0.85 -9.92
C GLU A 183 -19.63 0.02 -10.85
C1 PHQ B 1 -9.37 13.82 0.19
O1 PHQ B 1 -9.46 14.36 -0.90
O2 PHQ B 1 -10.59 13.43 0.67
C2 PHQ B 1 -10.71 13.32 2.04
C3 PHQ B 1 -11.08 14.62 2.42
C4 PHQ B 1 -11.01 15.58 1.41
C5 PHQ B 1 -11.39 16.89 1.63
C6 PHQ B 1 -11.89 17.28 2.85
C7 PHQ B 1 -12.01 16.34 3.86
C8 PHQ B 1 -11.63 15.02 3.64
N LEU B 2 -8.29 14.07 0.94
CA LEU B 2 -6.99 14.50 0.34
C LEU B 2 -5.85 13.45 0.20
N PHE B 3 -5.18 13.47 -0.97
CA PHE B 3 -4.07 12.49 -1.18
C PHE B 3 -2.88 12.89 -0.27
C 1HD B 4 0.07 11.34 0.50
CD 1HD B 4 -2.95 11.91 4.51
N 1HD B 4 -2.38 11.83 0.28
OE1 1HD B 4 -2.81 10.81 5.02
CA 1HD B 4 -1.26 11.84 1.19
CB 1HD B 4 -1.76 11.17 2.51
C1 1HD B 4 -3.83 12.96 5.21
N1 1HD B 4 -2.60 12.14 3.23
O 1HD B 4 0.84 12.02 -0.20
S SCN C . 7.05 -10.90 6.90
C SCN C . 6.55 -11.50 8.51
N SCN C . 6.28 -11.73 9.58
NA NA D . -5.79 10.13 9.02
S SCN E . -1.11 -2.26 -10.94
C SCN E . -2.69 -3.04 -10.64
N SCN E . -3.73 -3.56 -10.44
#